data_5YDG
#
_entry.id   5YDG
#
_cell.length_a   38.209
_cell.length_b   85.880
_cell.length_c   86.559
_cell.angle_alpha   90.000
_cell.angle_beta   90.000
_cell.angle_gamma   90.000
#
_symmetry.space_group_name_H-M   'P 21 21 21'
#
loop_
_entity.id
_entity.type
_entity.pdbx_description
1 polymer 'Multiple organellar RNA editing factor 2, chloroplastic'
2 water water
#
_entity_poly.entity_id   1
_entity_poly.type   'polypeptide(L)'
_entity_poly.pdbx_seq_one_letter_code
;FPGCDYEHWLIVMDKPGGEGATKQQMIDCYIQTLAKVVGSEEEAKKRIYNVSCERYLGFGCEIDEETSTKLEGLPGVLFV
LPDSYVDPENKDYGAELFVNGEIVQRSPERQRRVEP
;
_entity_poly.pdbx_strand_id   A,B
#
# COMPACT_ATOMS: atom_id res chain seq x y z
N PHE A 1 4.11 -2.95 -17.36
CA PHE A 1 3.01 -3.81 -16.96
C PHE A 1 1.74 -3.56 -17.79
N PRO A 2 1.07 -4.65 -18.18
CA PRO A 2 -0.18 -4.57 -18.94
C PRO A 2 -1.35 -4.09 -18.07
N GLY A 3 -2.13 -3.14 -18.58
CA GLY A 3 -3.26 -2.62 -17.83
C GLY A 3 -2.88 -1.43 -16.99
N CYS A 4 -1.59 -1.18 -16.88
CA CYS A 4 -1.08 -0.05 -16.13
C CYS A 4 -0.99 1.17 -17.05
N ASP A 5 -2.10 1.89 -17.17
CA ASP A 5 -2.20 3.02 -18.10
C ASP A 5 -2.33 4.35 -17.37
N TYR A 6 -2.16 4.32 -16.06
CA TYR A 6 -2.29 5.50 -15.21
C TYR A 6 -3.68 6.13 -15.28
N GLU A 7 -4.66 5.31 -15.65
CA GLU A 7 -6.05 5.73 -15.65
C GLU A 7 -6.82 4.83 -14.70
N HIS A 8 -6.10 3.86 -14.13
CA HIS A 8 -6.68 2.95 -13.17
C HIS A 8 -5.82 2.94 -11.92
N TRP A 9 -6.45 3.25 -10.79
CA TRP A 9 -5.73 3.46 -9.56
C TRP A 9 -6.24 2.60 -8.42
N LEU A 10 -5.30 2.00 -7.71
CA LEU A 10 -5.59 1.20 -6.54
C LEU A 10 -5.40 2.10 -5.34
N ILE A 11 -6.44 2.25 -4.55
CA ILE A 11 -6.39 3.09 -3.38
C ILE A 11 -6.47 2.22 -2.15
N VAL A 12 -5.41 2.25 -1.34
CA VAL A 12 -5.36 1.48 -0.10
C VAL A 12 -5.73 2.36 1.09
N MET A 13 -6.65 1.87 1.92
CA MET A 13 -7.11 2.68 3.05
C MET A 13 -6.86 2.09 4.43
N ASP A 14 -6.79 2.98 5.42
CA ASP A 14 -6.56 2.60 6.81
C ASP A 14 -7.87 2.40 7.55
N LYS A 15 -8.27 1.14 7.74
CA LYS A 15 -9.49 0.78 8.47
C LYS A 15 -10.71 1.55 7.98
N PRO A 16 -11.22 1.20 6.80
CA PRO A 16 -12.41 1.87 6.27
C PRO A 16 -13.67 1.40 7.00
N GLY A 17 -14.44 2.35 7.51
CA GLY A 17 -15.64 1.99 8.24
C GLY A 17 -15.36 1.68 9.69
N GLY A 18 -14.14 1.92 10.15
CA GLY A 18 -13.82 1.73 11.56
C GLY A 18 -13.31 0.35 11.91
N GLU A 19 -13.04 0.13 13.20
CA GLU A 19 -12.55 -1.15 13.69
C GLU A 19 -13.65 -2.21 13.57
N GLY A 20 -13.29 -3.37 13.07
CA GLY A 20 -14.25 -4.47 12.91
C GLY A 20 -15.42 -4.08 12.03
N ALA A 21 -15.13 -3.39 10.93
CA ALA A 21 -16.18 -2.96 10.03
C ALA A 21 -16.62 -4.12 9.14
N THR A 22 -17.91 -4.14 8.81
CA THR A 22 -18.43 -5.16 7.90
C THR A 22 -17.99 -4.83 6.49
N LYS A 23 -18.21 -5.76 5.57
CA LYS A 23 -17.91 -5.51 4.19
C LYS A 23 -18.66 -4.28 3.70
N GLN A 24 -19.96 -4.22 3.98
CA GLN A 24 -20.78 -3.12 3.49
C GLN A 24 -20.30 -1.79 4.05
N GLN A 25 -19.90 -1.77 5.31
CA GLN A 25 -19.42 -0.53 5.91
C GLN A 25 -18.10 -0.12 5.25
N MET A 26 -17.32 -1.12 4.84
CA MET A 26 -16.09 -0.84 4.12
C MET A 26 -16.38 -0.31 2.74
N ILE A 27 -17.34 -0.95 2.07
CA ILE A 27 -17.69 -0.56 0.71
C ILE A 27 -18.32 0.83 0.68
N ASP A 28 -19.18 1.10 1.66
CA ASP A 28 -19.79 2.41 1.82
C ASP A 28 -18.68 3.45 2.01
N CYS A 29 -17.66 3.09 2.77
CA CYS A 29 -16.55 4.01 2.96
C CYS A 29 -15.78 4.30 1.65
N TYR A 30 -15.57 3.26 0.85
CA TYR A 30 -14.88 3.41 -0.45
C TYR A 30 -15.60 4.38 -1.35
N ILE A 31 -16.91 4.17 -1.47
CA ILE A 31 -17.75 5.01 -2.30
C ILE A 31 -17.77 6.46 -1.82
N GLN A 32 -18.01 6.67 -0.53
CA GLN A 32 -18.07 8.02 0.01
C GLN A 32 -16.75 8.77 -0.10
N THR A 33 -15.65 8.02 0.01
CA THR A 33 -14.33 8.62 -0.08
C THR A 33 -14.04 9.08 -1.50
N LEU A 34 -14.32 8.20 -2.47
CA LEU A 34 -14.09 8.54 -3.87
C LEU A 34 -15.05 9.64 -4.33
N ALA A 35 -16.25 9.65 -3.77
CA ALA A 35 -17.27 10.65 -4.08
C ALA A 35 -16.78 12.08 -3.84
N LYS A 36 -15.88 12.25 -2.87
CA LYS A 36 -15.43 13.58 -2.51
C LYS A 36 -14.48 14.20 -3.53
N VAL A 37 -13.99 13.39 -4.48
CA VAL A 37 -13.11 13.92 -5.53
C VAL A 37 -13.70 13.74 -6.93
N VAL A 38 -14.80 13.01 -7.02
CA VAL A 38 -15.39 12.74 -8.33
C VAL A 38 -16.77 13.36 -8.51
N GLY A 39 -17.28 13.99 -7.46
CA GLY A 39 -18.47 14.81 -7.60
C GLY A 39 -19.74 14.28 -6.96
N SER A 40 -19.89 12.97 -6.93
CA SER A 40 -21.10 12.35 -6.38
C SER A 40 -20.90 10.86 -6.10
N GLU A 41 -21.83 10.28 -5.35
CA GLU A 41 -21.73 8.89 -4.97
C GLU A 41 -22.17 7.98 -6.11
N GLU A 42 -23.08 8.47 -6.93
CA GLU A 42 -23.54 7.67 -8.06
C GLU A 42 -22.41 7.59 -9.08
N GLU A 43 -21.67 8.68 -9.23
CA GLU A 43 -20.52 8.70 -10.11
C GLU A 43 -19.42 7.80 -9.57
N ALA A 44 -19.26 7.79 -8.26
CA ALA A 44 -18.24 6.99 -7.59
C ALA A 44 -18.48 5.52 -7.88
N LYS A 45 -19.73 5.09 -7.85
CA LYS A 45 -20.07 3.71 -8.15
C LYS A 45 -19.71 3.36 -9.60
N LYS A 46 -19.82 4.32 -10.50
CA LYS A 46 -19.46 4.10 -11.90
C LYS A 46 -17.95 3.90 -12.09
N ARG A 47 -17.14 4.53 -11.24
CA ARG A 47 -15.71 4.54 -11.46
C ARG A 47 -14.98 3.40 -10.75
N ILE A 48 -15.56 2.88 -9.67
CA ILE A 48 -14.96 1.77 -8.95
C ILE A 48 -15.19 0.46 -9.70
N TYR A 49 -14.09 -0.24 -10.01
CA TYR A 49 -14.18 -1.50 -10.74
C TYR A 49 -13.92 -2.71 -9.83
N ASN A 50 -13.25 -2.48 -8.71
CA ASN A 50 -13.11 -3.56 -7.74
C ASN A 50 -12.94 -3.07 -6.30
N VAL A 51 -13.20 -3.96 -5.35
CA VAL A 51 -13.04 -3.66 -3.94
C VAL A 51 -12.31 -4.79 -3.23
N SER A 52 -11.50 -4.43 -2.24
CA SER A 52 -10.78 -5.43 -1.47
C SER A 52 -11.09 -5.29 0.01
N CYS A 53 -11.45 -6.40 0.64
CA CYS A 53 -11.83 -6.39 2.04
C CYS A 53 -10.98 -7.36 2.86
N GLU A 54 -10.01 -7.99 2.20
CA GLU A 54 -9.06 -8.89 2.84
C GLU A 54 -7.70 -8.70 2.19
N ARG A 55 -6.65 -9.20 2.82
CA ARG A 55 -5.27 -9.04 2.36
C ARG A 55 -4.84 -7.56 2.42
N TYR A 56 -5.56 -6.70 1.72
CA TYR A 56 -5.43 -5.27 1.91
C TYR A 56 -6.83 -4.66 1.83
N LEU A 57 -7.00 -3.51 2.47
CA LEU A 57 -8.28 -2.83 2.47
C LEU A 57 -8.23 -1.65 1.52
N GLY A 58 -9.01 -1.72 0.44
CA GLY A 58 -9.01 -0.65 -0.53
C GLY A 58 -9.84 -0.97 -1.75
N PHE A 59 -9.69 -0.17 -2.80
CA PHE A 59 -10.52 -0.33 -3.98
C PHE A 59 -9.82 0.17 -5.24
N GLY A 60 -10.27 -0.32 -6.39
CA GLY A 60 -9.72 0.13 -7.65
C GLY A 60 -10.71 1.01 -8.36
N CYS A 61 -10.26 2.14 -8.90
CA CYS A 61 -11.15 3.04 -9.60
C CYS A 61 -10.49 3.62 -10.85
N GLU A 62 -11.31 4.02 -11.81
CA GLU A 62 -10.82 4.62 -13.03
C GLU A 62 -10.83 6.12 -12.87
N ILE A 63 -9.67 6.72 -12.62
CA ILE A 63 -9.57 8.17 -12.50
C ILE A 63 -8.27 8.66 -13.14
N ASP A 64 -8.22 9.93 -13.50
CA ASP A 64 -6.98 10.48 -14.07
C ASP A 64 -5.96 10.70 -12.96
N GLU A 65 -4.73 11.03 -13.35
CA GLU A 65 -3.64 11.19 -12.39
C GLU A 65 -3.86 12.38 -11.47
N GLU A 66 -4.49 13.43 -11.99
CA GLU A 66 -4.75 14.63 -11.20
C GLU A 66 -5.67 14.31 -10.04
N THR A 67 -6.70 13.51 -10.31
CA THR A 67 -7.67 13.17 -9.30
C THR A 67 -7.06 12.26 -8.23
N SER A 68 -6.18 11.36 -8.64
CA SER A 68 -5.59 10.41 -7.70
C SER A 68 -4.72 11.12 -6.67
N THR A 69 -4.12 12.23 -7.07
CA THR A 69 -3.30 13.00 -6.15
C THR A 69 -4.18 13.72 -5.13
N LYS A 70 -5.43 13.96 -5.50
CA LYS A 70 -6.37 14.57 -4.55
C LYS A 70 -6.86 13.55 -3.52
N LEU A 71 -6.67 12.26 -3.84
CA LEU A 71 -7.10 11.21 -2.92
C LEU A 71 -6.12 11.03 -1.80
N GLU A 72 -4.85 11.32 -2.07
CA GLU A 72 -3.80 11.16 -1.08
C GLU A 72 -4.07 11.98 0.19
N GLY A 73 -4.65 13.17 0.01
CA GLY A 73 -4.91 14.06 1.13
C GLY A 73 -6.05 13.63 2.04
N LEU A 74 -7.02 12.92 1.48
CA LEU A 74 -8.22 12.53 2.21
C LEU A 74 -7.95 11.65 3.43
N PRO A 75 -8.62 11.94 4.55
CA PRO A 75 -8.57 11.10 5.76
C PRO A 75 -8.86 9.64 5.42
N GLY A 76 -8.04 8.74 5.92
CA GLY A 76 -8.26 7.32 5.72
C GLY A 76 -7.44 6.69 4.61
N VAL A 77 -6.92 7.50 3.69
CA VAL A 77 -6.18 6.97 2.56
C VAL A 77 -4.70 6.73 2.88
N LEU A 78 -4.24 5.50 2.73
CA LEU A 78 -2.84 5.15 2.96
C LEU A 78 -1.98 5.37 1.73
N PHE A 79 -2.28 4.61 0.67
CA PHE A 79 -1.49 4.63 -0.55
C PHE A 79 -2.39 4.80 -1.75
N VAL A 80 -1.86 5.46 -2.78
CA VAL A 80 -2.54 5.58 -4.04
C VAL A 80 -1.54 5.16 -5.12
N LEU A 81 -1.76 4.00 -5.72
CA LEU A 81 -0.82 3.49 -6.71
C LEU A 81 -1.47 3.15 -8.04
N PRO A 82 -0.71 3.25 -9.13
CA PRO A 82 -1.27 2.89 -10.44
C PRO A 82 -1.52 1.39 -10.51
N ASP A 83 -2.75 1.02 -10.87
CA ASP A 83 -3.14 -0.37 -10.86
C ASP A 83 -2.70 -1.07 -12.14
N SER A 84 -2.61 -2.39 -12.07
CA SER A 84 -2.27 -3.19 -13.25
C SER A 84 -2.99 -4.53 -13.20
N TYR A 85 -3.18 -5.14 -14.38
CA TYR A 85 -3.91 -6.39 -14.47
C TYR A 85 -3.30 -7.50 -13.62
N VAL A 86 -4.16 -8.26 -12.98
CA VAL A 86 -3.74 -9.50 -12.34
C VAL A 86 -3.86 -10.62 -13.36
N ASP A 87 -4.94 -10.57 -14.16
CA ASP A 87 -5.19 -11.53 -15.23
C ASP A 87 -5.37 -10.76 -16.54
N PRO A 88 -4.26 -10.48 -17.24
CA PRO A 88 -4.21 -9.67 -18.46
C PRO A 88 -5.14 -10.16 -19.57
N GLU A 89 -5.30 -11.47 -19.70
CA GLU A 89 -6.14 -12.03 -20.77
C GLU A 89 -7.61 -11.62 -20.60
N ASN A 90 -7.99 -11.24 -19.39
CA ASN A 90 -9.36 -10.84 -19.14
C ASN A 90 -9.48 -9.40 -18.65
N LYS A 91 -8.39 -8.65 -18.79
CA LYS A 91 -8.31 -7.27 -18.34
C LYS A 91 -8.83 -7.13 -16.91
N ASP A 92 -8.39 -8.04 -16.06
CA ASP A 92 -8.88 -8.14 -14.70
C ASP A 92 -7.84 -7.61 -13.71
N TYR A 93 -8.22 -6.57 -12.97
CA TYR A 93 -7.31 -5.95 -11.99
C TYR A 93 -7.32 -6.69 -10.66
N GLY A 94 -8.15 -7.73 -10.55
CA GLY A 94 -8.15 -8.57 -9.37
C GLY A 94 -9.13 -8.15 -8.30
N ALA A 95 -8.88 -8.62 -7.08
CA ALA A 95 -9.75 -8.37 -5.94
C ALA A 95 -11.18 -8.79 -6.25
N GLU A 96 -12.14 -8.16 -5.58
CA GLU A 96 -13.55 -8.45 -5.82
C GLU A 96 -14.17 -7.51 -6.85
N LEU A 97 -14.71 -8.09 -7.93
CA LEU A 97 -15.35 -7.31 -8.98
C LEU A 97 -16.50 -6.48 -8.42
N PHE A 98 -16.64 -5.28 -8.95
CA PHE A 98 -17.60 -4.32 -8.44
C PHE A 98 -18.29 -3.63 -9.59
N VAL A 99 -19.57 -3.91 -9.76
CA VAL A 99 -20.31 -3.37 -10.90
C VAL A 99 -21.61 -2.72 -10.44
N ASN A 100 -21.80 -1.46 -10.80
CA ASN A 100 -23.00 -0.71 -10.44
C ASN A 100 -23.28 -0.77 -8.93
N GLY A 101 -22.24 -0.63 -8.13
CA GLY A 101 -22.39 -0.62 -6.68
C GLY A 101 -22.59 -2.00 -6.06
N GLU A 102 -22.45 -3.03 -6.88
CA GLU A 102 -22.65 -4.40 -6.43
C GLU A 102 -21.40 -5.26 -6.62
N ILE A 103 -21.10 -6.11 -5.65
CA ILE A 103 -20.06 -7.11 -5.83
C ILE A 103 -20.53 -8.21 -6.80
N VAL A 104 -19.73 -8.48 -7.83
CA VAL A 104 -20.06 -9.51 -8.81
C VAL A 104 -19.11 -10.71 -8.70
N GLN A 105 -19.67 -11.91 -8.65
CA GLN A 105 -18.84 -13.11 -8.61
C GLN A 105 -18.34 -13.49 -10.01
N ARG A 106 -17.07 -13.89 -10.07
CA ARG A 106 -16.47 -14.38 -11.29
C ARG A 106 -16.91 -15.82 -11.51
N SER A 107 -16.83 -16.31 -12.73
CA SER A 107 -17.05 -17.73 -12.97
C SER A 107 -15.92 -18.47 -12.24
N PRO A 108 -16.18 -19.72 -11.84
CA PRO A 108 -15.17 -20.46 -11.06
C PRO A 108 -13.81 -20.52 -11.74
N GLU A 109 -13.81 -20.61 -13.06
CA GLU A 109 -12.53 -20.67 -13.78
C GLU A 109 -11.81 -19.34 -13.66
N ARG A 110 -12.54 -18.24 -13.76
CA ARG A 110 -11.91 -16.94 -13.68
C ARG A 110 -11.41 -16.62 -12.28
N GLN A 111 -12.08 -17.16 -11.26
CA GLN A 111 -11.58 -17.01 -9.90
C GLN A 111 -10.16 -17.55 -9.79
N ARG A 112 -9.90 -18.67 -10.46
CA ARG A 112 -8.61 -19.33 -10.33
C ARG A 112 -7.50 -18.53 -11.01
N ARG A 113 -7.86 -17.82 -12.09
CA ARG A 113 -6.89 -16.98 -12.77
C ARG A 113 -6.48 -15.79 -11.92
N VAL A 114 -7.30 -15.44 -10.93
CA VAL A 114 -7.06 -14.25 -10.12
C VAL A 114 -6.46 -14.60 -8.74
N PHE B 1 7.06 15.70 -4.27
CA PHE B 1 6.90 15.49 -2.82
C PHE B 1 8.28 15.42 -2.16
N PRO B 2 8.44 16.04 -1.00
CA PRO B 2 9.75 16.06 -0.35
C PRO B 2 10.16 14.69 0.17
N GLY B 3 11.39 14.29 -0.13
CA GLY B 3 11.89 12.99 0.27
C GLY B 3 11.65 11.94 -0.78
N CYS B 4 10.84 12.27 -1.78
CA CYS B 4 10.54 11.36 -2.87
C CYS B 4 11.57 11.47 -3.99
N ASP B 5 12.66 10.73 -3.85
CA ASP B 5 13.75 10.81 -4.80
C ASP B 5 13.92 9.52 -5.59
N TYR B 6 12.97 8.59 -5.43
CA TYR B 6 13.03 7.29 -6.10
C TYR B 6 14.29 6.50 -5.72
N GLU B 7 14.86 6.84 -4.58
CA GLU B 7 15.99 6.13 -4.00
C GLU B 7 15.56 5.57 -2.64
N HIS B 8 14.32 5.90 -2.26
CA HIS B 8 13.72 5.42 -1.03
C HIS B 8 12.38 4.78 -1.35
N TRP B 9 12.23 3.53 -0.95
CA TRP B 9 11.06 2.76 -1.36
C TRP B 9 10.33 2.16 -0.18
N LEU B 10 9.00 2.28 -0.22
CA LEU B 10 8.15 1.69 0.81
C LEU B 10 7.65 0.37 0.26
N ILE B 11 7.93 -0.71 0.97
CA ILE B 11 7.52 -2.04 0.54
C ILE B 11 6.44 -2.58 1.46
N VAL B 12 5.27 -2.85 0.90
CA VAL B 12 4.17 -3.39 1.68
C VAL B 12 4.05 -4.90 1.50
N MET B 13 3.89 -5.64 2.59
CA MET B 13 3.83 -7.09 2.51
C MET B 13 2.50 -7.67 3.02
N ASP B 14 2.19 -8.91 2.64
CA ASP B 14 0.90 -9.49 3.00
C ASP B 14 0.89 -10.02 4.43
N LYS B 15 1.50 -11.17 4.67
CA LYS B 15 1.56 -11.67 6.04
C LYS B 15 2.96 -12.13 6.39
N PRO B 16 3.87 -11.18 6.59
CA PRO B 16 5.24 -11.46 7.01
C PRO B 16 5.30 -11.73 8.51
N GLY B 17 5.90 -12.82 8.96
CA GLY B 17 6.12 -13.99 8.16
C GLY B 17 5.11 -14.96 8.73
N GLY B 18 3.99 -15.10 8.03
CA GLY B 18 2.95 -16.04 8.37
C GLY B 18 1.89 -15.46 9.28
N GLU B 19 0.88 -16.27 9.58
CA GLU B 19 -0.25 -15.87 10.40
C GLU B 19 0.11 -15.69 11.87
N GLY B 20 -0.36 -14.59 12.46
CA GLY B 20 -0.12 -14.29 13.86
C GLY B 20 1.35 -14.20 14.18
N ALA B 21 2.12 -13.55 13.31
CA ALA B 21 3.55 -13.39 13.51
C ALA B 21 3.82 -12.29 14.51
N THR B 22 4.87 -12.43 15.31
CA THR B 22 5.24 -11.38 16.24
C THR B 22 5.90 -10.23 15.49
N LYS B 23 6.09 -9.10 16.16
CA LYS B 23 6.80 -7.96 15.57
C LYS B 23 8.18 -8.42 15.13
N GLN B 24 8.83 -9.16 16.01
CA GLN B 24 10.18 -9.61 15.76
C GLN B 24 10.23 -10.48 14.51
N GLN B 25 9.24 -11.34 14.33
CA GLN B 25 9.17 -12.23 13.18
C GLN B 25 8.87 -11.51 11.86
N MET B 26 8.13 -10.42 11.91
CA MET B 26 7.86 -9.64 10.70
C MET B 26 9.13 -8.91 10.26
N ILE B 27 9.83 -8.38 11.25
CA ILE B 27 11.05 -7.63 10.98
C ILE B 27 12.13 -8.54 10.37
N ASP B 28 12.26 -9.76 10.90
CA ASP B 28 13.16 -10.74 10.29
C ASP B 28 12.74 -10.99 8.85
N CYS B 29 11.44 -11.12 8.63
CA CYS B 29 10.92 -11.33 7.29
C CYS B 29 11.23 -10.16 6.36
N TYR B 30 11.10 -8.93 6.87
CA TYR B 30 11.44 -7.74 6.10
C TYR B 30 12.89 -7.80 5.67
N ILE B 31 13.76 -8.09 6.63
CA ILE B 31 15.18 -8.19 6.38
C ILE B 31 15.51 -9.29 5.37
N GLN B 32 14.97 -10.48 5.58
CA GLN B 32 15.21 -11.62 4.69
C GLN B 32 14.68 -11.38 3.29
N THR B 33 13.57 -10.66 3.18
CA THR B 33 12.99 -10.38 1.88
C THR B 33 13.88 -9.43 1.10
N LEU B 34 14.31 -8.35 1.74
CA LEU B 34 15.17 -7.39 1.06
C LEU B 34 16.52 -8.00 0.74
N ALA B 35 16.98 -8.92 1.59
CA ALA B 35 18.26 -9.59 1.38
C ALA B 35 18.35 -10.27 0.01
N LYS B 36 17.21 -10.73 -0.50
CA LYS B 36 17.20 -11.49 -1.73
C LYS B 36 17.52 -10.65 -2.96
N VAL B 37 17.51 -9.33 -2.80
CA VAL B 37 17.83 -8.45 -3.92
C VAL B 37 19.07 -7.57 -3.67
N VAL B 38 19.58 -7.57 -2.44
CA VAL B 38 20.74 -6.74 -2.12
C VAL B 38 21.96 -7.58 -1.73
N GLY B 39 21.79 -8.89 -1.66
CA GLY B 39 22.92 -9.80 -1.54
C GLY B 39 23.10 -10.51 -0.21
N SER B 40 22.73 -9.86 0.88
CA SER B 40 22.92 -10.42 2.20
C SER B 40 22.05 -9.71 3.22
N GLU B 41 21.96 -10.29 4.41
CA GLU B 41 21.12 -9.75 5.45
C GLU B 41 21.77 -8.53 6.09
N GLU B 42 23.10 -8.50 6.11
CA GLU B 42 23.82 -7.37 6.67
C GLU B 42 23.70 -6.13 5.78
N GLU B 43 23.71 -6.33 4.47
CA GLU B 43 23.50 -5.23 3.55
C GLU B 43 22.05 -4.74 3.67
N ALA B 44 21.14 -5.68 3.89
CA ALA B 44 19.73 -5.36 4.04
C ALA B 44 19.49 -4.46 5.26
N LYS B 45 20.14 -4.78 6.37
CA LYS B 45 20.00 -3.98 7.58
C LYS B 45 20.52 -2.56 7.36
N LYS B 46 21.54 -2.44 6.53
CA LYS B 46 22.11 -1.13 6.23
C LYS B 46 21.13 -0.26 5.46
N ARG B 47 20.31 -0.89 4.62
CA ARG B 47 19.47 -0.15 3.69
C ARG B 47 18.09 0.18 4.25
N ILE B 48 17.63 -0.60 5.22
CA ILE B 48 16.34 -0.36 5.84
C ILE B 48 16.40 0.78 6.85
N TYR B 49 15.55 1.79 6.67
CA TYR B 49 15.53 2.94 7.56
C TYR B 49 14.31 2.96 8.49
N ASN B 50 13.26 2.24 8.11
CA ASN B 50 12.13 2.06 9.01
C ASN B 50 11.36 0.75 8.80
N VAL B 51 10.58 0.35 9.81
CA VAL B 51 9.75 -0.84 9.71
C VAL B 51 8.36 -0.51 10.23
N SER B 52 7.35 -1.13 9.63
CA SER B 52 5.96 -0.92 10.07
C SER B 52 5.28 -2.23 10.42
N CYS B 53 4.68 -2.28 11.60
CA CYS B 53 4.01 -3.50 12.08
C CYS B 53 2.56 -3.24 12.45
N GLU B 54 2.12 -2.01 12.22
CA GLU B 54 0.73 -1.60 12.44
C GLU B 54 0.33 -0.65 11.32
N ARG B 55 -0.97 -0.38 11.19
CA ARG B 55 -1.53 0.43 10.11
C ARG B 55 -1.36 -0.28 8.76
N TYR B 56 -0.10 -0.55 8.41
CA TYR B 56 0.24 -1.41 7.28
C TYR B 56 1.48 -2.22 7.68
N LEU B 57 1.67 -3.36 7.02
CA LEU B 57 2.81 -4.20 7.33
C LEU B 57 3.85 -4.05 6.23
N GLY B 58 5.00 -3.49 6.58
CA GLY B 58 6.03 -3.28 5.58
C GLY B 58 7.24 -2.51 6.06
N PHE B 59 8.07 -2.05 5.13
CA PHE B 59 9.32 -1.41 5.50
C PHE B 59 9.82 -0.43 4.46
N GLY B 60 10.63 0.51 4.89
CA GLY B 60 11.22 1.47 3.99
C GLY B 60 12.69 1.20 3.82
N CYS B 61 13.17 1.21 2.58
CA CYS B 61 14.58 0.93 2.34
C CYS B 61 15.18 1.83 1.27
N GLU B 62 16.50 2.01 1.36
CA GLU B 62 17.21 2.80 0.37
C GLU B 62 17.76 1.87 -0.70
N ILE B 63 17.06 1.81 -1.83
CA ILE B 63 17.51 1.03 -2.98
C ILE B 63 17.18 1.82 -4.24
N ASP B 64 17.86 1.55 -5.35
CA ASP B 64 17.55 2.26 -6.58
C ASP B 64 16.25 1.73 -7.18
N GLU B 65 15.78 2.38 -8.23
CA GLU B 65 14.51 2.00 -8.85
C GLU B 65 14.57 0.61 -9.50
N GLU B 66 15.74 0.26 -10.03
CA GLU B 66 15.94 -1.03 -10.67
C GLU B 66 15.80 -2.16 -9.66
N THR B 67 16.36 -1.95 -8.48
CA THR B 67 16.31 -2.96 -7.43
C THR B 67 14.88 -3.12 -6.91
N SER B 68 14.14 -2.02 -6.86
CA SER B 68 12.79 -2.05 -6.32
C SER B 68 11.86 -2.89 -7.19
N THR B 69 12.13 -2.90 -8.50
CA THR B 69 11.29 -3.69 -9.40
C THR B 69 11.57 -5.18 -9.23
N LYS B 70 12.75 -5.52 -8.75
CA LYS B 70 13.08 -6.92 -8.48
C LYS B 70 12.35 -7.43 -7.23
N LEU B 71 11.84 -6.49 -6.43
CA LEU B 71 11.10 -6.84 -5.22
C LEU B 71 9.66 -7.21 -5.54
N GLU B 72 9.14 -6.62 -6.60
CA GLU B 72 7.74 -6.80 -6.99
C GLU B 72 7.37 -8.25 -7.23
N GLY B 73 8.31 -9.02 -7.81
CA GLY B 73 8.06 -10.42 -8.11
C GLY B 73 8.04 -11.34 -6.89
N LEU B 74 8.77 -10.94 -5.84
CA LEU B 74 8.96 -11.78 -4.66
C LEU B 74 7.68 -12.12 -3.90
N PRO B 75 7.53 -13.40 -3.50
CA PRO B 75 6.44 -13.88 -2.65
C PRO B 75 6.27 -13.03 -1.40
N GLY B 76 5.05 -12.63 -1.10
CA GLY B 76 4.77 -11.87 0.10
C GLY B 76 4.68 -10.37 -0.12
N VAL B 77 5.23 -9.90 -1.24
CA VAL B 77 5.23 -8.46 -1.52
C VAL B 77 3.96 -7.99 -2.23
N LEU B 78 3.24 -7.09 -1.59
CA LEU B 78 2.04 -6.53 -2.19
C LEU B 78 2.37 -5.32 -3.05
N PHE B 79 2.94 -4.29 -2.44
CA PHE B 79 3.19 -3.07 -3.18
C PHE B 79 4.61 -2.60 -2.99
N VAL B 80 5.13 -1.96 -4.02
CA VAL B 80 6.40 -1.29 -3.96
C VAL B 80 6.21 0.10 -4.51
N LEU B 81 6.21 1.10 -3.62
CA LEU B 81 5.97 2.47 -4.01
C LEU B 81 7.08 3.41 -3.53
N PRO B 82 7.28 4.53 -4.25
CA PRO B 82 8.30 5.50 -3.85
C PRO B 82 7.91 6.22 -2.56
N ASP B 83 8.83 6.25 -1.60
CA ASP B 83 8.57 6.81 -0.29
C ASP B 83 8.75 8.34 -0.28
N SER B 84 8.09 9.00 0.67
CA SER B 84 8.25 10.44 0.86
C SER B 84 8.14 10.79 2.34
N TYR B 85 8.70 11.93 2.72
CA TYR B 85 8.75 12.34 4.12
C TYR B 85 7.37 12.48 4.76
N VAL B 86 7.26 12.02 6.00
CA VAL B 86 6.10 12.31 6.81
C VAL B 86 6.41 13.62 7.55
N ASP B 87 7.66 13.75 7.99
CA ASP B 87 8.15 14.94 8.67
C ASP B 87 9.40 15.45 7.97
N PRO B 88 9.22 16.30 6.95
CA PRO B 88 10.32 16.82 6.12
C PRO B 88 11.43 17.50 6.91
N GLU B 89 11.07 18.23 7.97
CA GLU B 89 12.08 18.96 8.73
CA GLU B 89 12.03 18.95 8.80
C GLU B 89 13.06 18.03 9.44
N ASN B 90 12.71 16.75 9.55
CA ASN B 90 13.63 15.77 10.12
C ASN B 90 13.96 14.59 9.20
N LYS B 91 13.66 14.74 7.91
CA LYS B 91 13.84 13.69 6.90
C LYS B 91 13.26 12.37 7.37
N ASP B 92 12.06 12.41 7.94
CA ASP B 92 11.50 11.25 8.58
C ASP B 92 10.41 10.64 7.70
N TYR B 93 10.62 9.39 7.31
CA TYR B 93 9.65 8.70 6.47
C TYR B 93 8.54 8.08 7.30
N GLY B 94 8.63 8.19 8.62
CA GLY B 94 7.55 7.73 9.48
C GLY B 94 7.71 6.31 9.98
N ALA B 95 6.59 5.70 10.38
CA ALA B 95 6.58 4.35 10.92
C ALA B 95 7.57 4.26 12.08
N GLU B 96 8.12 3.08 12.33
CA GLU B 96 9.11 2.92 13.41
C GLU B 96 10.54 3.04 12.87
N LEU B 97 11.32 3.99 13.41
CA LEU B 97 12.70 4.17 12.96
C LEU B 97 13.51 2.89 13.19
N PHE B 98 14.33 2.55 12.20
CA PHE B 98 15.07 1.31 12.21
C PHE B 98 16.45 1.60 11.65
N VAL B 99 17.45 1.51 12.51
CA VAL B 99 18.81 1.86 12.11
C VAL B 99 19.77 0.73 12.46
N ASN B 100 20.47 0.24 11.44
CA ASN B 100 21.42 -0.86 11.59
C ASN B 100 20.84 -2.06 12.32
N GLY B 101 19.61 -2.42 11.98
CA GLY B 101 18.97 -3.58 12.58
C GLY B 101 18.37 -3.36 13.95
N GLU B 102 18.35 -2.12 14.43
CA GLU B 102 17.81 -1.80 15.74
C GLU B 102 16.63 -0.84 15.62
N ILE B 103 15.59 -1.09 16.40
CA ILE B 103 14.51 -0.11 16.54
C ILE B 103 15.00 1.05 17.40
N VAL B 104 14.88 2.26 16.87
CA VAL B 104 15.29 3.44 17.61
C VAL B 104 14.05 4.27 17.95
N GLN B 105 13.91 4.62 19.23
CA GLN B 105 12.78 5.44 19.66
C GLN B 105 13.03 6.91 19.35
N ARG B 106 12.01 7.61 18.85
CA ARG B 106 12.11 9.04 18.63
C ARG B 106 11.87 9.75 19.96
N SER B 107 12.37 10.98 20.07
CA SER B 107 12.05 11.81 21.21
C SER B 107 10.54 12.09 21.17
N PRO B 108 9.93 12.35 22.33
CA PRO B 108 8.48 12.55 22.40
C PRO B 108 7.99 13.66 21.47
N GLU B 109 8.79 14.70 21.28
CA GLU B 109 8.41 15.81 20.40
C GLU B 109 8.35 15.36 18.96
N ARG B 110 9.34 14.58 18.55
CA ARG B 110 9.40 14.10 17.17
C ARG B 110 8.32 13.06 16.88
N GLN B 111 7.93 12.31 17.90
CA GLN B 111 6.88 11.31 17.75
CA GLN B 111 6.89 11.31 17.70
C GLN B 111 5.55 11.98 17.39
N ARG B 112 5.34 13.19 17.90
CA ARG B 112 4.10 13.93 17.61
C ARG B 112 4.09 14.46 16.18
N ARG B 113 5.27 14.76 15.65
CA ARG B 113 5.39 15.22 14.26
C ARG B 113 5.08 14.10 13.28
N VAL B 114 5.17 12.86 13.74
CA VAL B 114 4.99 11.69 12.89
C VAL B 114 3.59 11.08 13.10
N GLU B 115 2.89 11.56 14.13
CA GLU B 115 1.52 11.16 14.40
C GLU B 115 0.61 11.48 13.23
N PRO B 116 -0.34 10.57 12.94
CA PRO B 116 -1.35 10.84 11.91
C PRO B 116 -2.57 11.56 12.49
#